data_5V3Y
#
_entry.id   5V3Y
#
_cell.length_a   89.627
_cell.length_b   108.762
_cell.length_c   56.735
_cell.angle_alpha   90.000
_cell.angle_beta   90.000
_cell.angle_gamma   90.000
#
_symmetry.space_group_name_H-M   'P 21 21 2'
#
loop_
_entity.id
_entity.type
_entity.pdbx_description
1 polymer 'Polyketide synthase Pks13 (Termination polyketide synthase)'
2 non-polymer 2-(4-hydroxyphenyl)-~{N}-methyl-5-oxidanyl-4-(piperidin-1-ylmethyl)-1-benzofuran-3-carboxamide
3 non-polymer 'SULFATE ION'
4 water water
#
_entity_poly.entity_id   1
_entity_poly.type   'polypeptide(L)'
_entity_poly.pdbx_seq_one_letter_code
;SNAQIDGFVRTLRARPEAGGKVPVFVFHPAGGSTVVYEPLLGRLPADTPMYGFERVEGSIEERAQQYVPKLIEMQGDGPY
VLVGWSLGGVLAYACAIGLRRLGKDVRFVGLIDAVRAGEEIPQTKEEIRKRWDRYAAFAEKTFNVTIPAIPYEQLEELDD
EGQVRFVLDAVSQSGVQIPAGIIEHQRTSYLDNRAIDTAQIQPYDGHVTLYMADRYHDDAIMFEPRYAVRQPDGGWGEYV
SDLEVVPIGGEHIQAIDEPIIAKVGEHMSRALGQIEADRTSEVGKQ
;
_entity_poly.pdbx_strand_id   A,B
#
loop_
_chem_comp.id
_chem_comp.type
_chem_comp.name
_chem_comp.formula
5V8 non-polymer 2-(4-hydroxyphenyl)-~{N}-methyl-5-oxidanyl-4-(piperidin-1-ylmethyl)-1-benzofuran-3-carboxamide 'C22 H24 N2 O4'
SO4 non-polymer 'SULFATE ION' 'O4 S -2'
#
# COMPACT_ATOMS: atom_id res chain seq x y z
N ASP A 6 29.59 -23.62 -7.47
CA ASP A 6 28.41 -23.84 -6.63
C ASP A 6 27.06 -24.16 -7.33
N GLY A 7 27.08 -24.47 -8.63
CA GLY A 7 25.84 -24.76 -9.36
C GLY A 7 24.97 -23.51 -9.55
N PHE A 8 23.76 -23.47 -9.00
CA PHE A 8 23.00 -22.22 -8.96
C PHE A 8 22.84 -21.62 -7.57
N VAL A 9 23.56 -22.17 -6.60
CA VAL A 9 23.48 -21.62 -5.25
C VAL A 9 24.76 -20.86 -4.90
N ARG A 10 24.61 -19.57 -4.58
CA ARG A 10 25.73 -18.74 -4.16
C ARG A 10 25.71 -18.63 -2.65
N THR A 11 26.85 -18.85 -2.02
CA THR A 11 26.91 -18.70 -0.57
C THR A 11 27.34 -17.28 -0.21
N LEU A 12 26.42 -16.46 0.29
CA LEU A 12 26.78 -15.10 0.68
C LEU A 12 27.32 -15.03 2.11
N ARG A 13 26.66 -15.74 3.02
CA ARG A 13 27.24 -15.99 4.32
C ARG A 13 26.87 -17.40 4.73
N ALA A 14 27.90 -18.23 4.90
CA ALA A 14 27.70 -19.63 5.19
C ALA A 14 27.11 -19.83 6.58
N ARG A 15 26.24 -20.82 6.72
CA ARG A 15 25.73 -21.21 8.02
C ARG A 15 26.82 -21.96 8.75
N PRO A 16 26.78 -21.95 10.10
CA PRO A 16 27.75 -22.75 10.85
C PRO A 16 27.61 -24.23 10.51
N GLU A 17 28.64 -25.03 10.77
CA GLU A 17 28.57 -26.47 10.54
C GLU A 17 27.30 -27.06 11.16
N ALA A 18 26.98 -26.66 12.38
CA ALA A 18 25.71 -27.06 13.00
C ALA A 18 25.06 -25.94 13.79
N GLY A 19 23.73 -25.97 13.86
CA GLY A 19 22.97 -24.98 14.61
C GLY A 19 22.97 -23.62 13.92
N GLY A 20 22.82 -22.56 14.70
CA GLY A 20 22.88 -21.21 14.21
C GLY A 20 21.53 -20.62 13.86
N LYS A 21 21.53 -19.46 13.23
CA LYS A 21 20.28 -18.80 12.89
C LYS A 21 19.65 -19.35 11.60
N VAL A 22 18.38 -19.04 11.41
CA VAL A 22 17.68 -19.43 10.19
C VAL A 22 18.24 -18.67 8.99
N PRO A 23 18.60 -19.40 7.93
CA PRO A 23 19.16 -18.74 6.75
C PRO A 23 18.13 -17.93 5.98
N VAL A 24 18.60 -16.87 5.33
CA VAL A 24 17.77 -16.13 4.39
C VAL A 24 18.13 -16.62 3.00
N PHE A 25 17.15 -17.13 2.28
CA PHE A 25 17.35 -17.51 0.89
C PHE A 25 16.92 -16.36 -0.01
N VAL A 26 17.86 -15.84 -0.79
CA VAL A 26 17.55 -14.75 -1.72
C VAL A 26 17.57 -15.28 -3.16
N PHE A 27 16.79 -14.65 -4.04
CA PHE A 27 16.60 -15.12 -5.40
C PHE A 27 17.00 -13.99 -6.34
N HIS A 28 17.74 -14.32 -7.39
CA HIS A 28 18.32 -13.31 -8.30
C HIS A 28 17.27 -12.39 -8.94
N PRO A 29 17.68 -11.13 -9.23
CA PRO A 29 16.79 -10.21 -9.95
C PRO A 29 16.84 -10.45 -11.46
N ALA A 30 15.96 -9.81 -12.21
CA ALA A 30 15.98 -9.92 -13.67
C ALA A 30 17.27 -9.37 -14.24
N GLY A 31 18.01 -10.21 -14.94
CA GLY A 31 19.24 -9.80 -15.61
C GLY A 31 20.43 -9.63 -14.69
N GLY A 32 20.33 -10.14 -13.46
CA GLY A 32 21.41 -9.94 -12.51
C GLY A 32 21.62 -11.15 -11.61
N SER A 33 22.59 -11.05 -10.70
CA SER A 33 22.89 -12.16 -9.81
C SER A 33 22.55 -11.80 -8.37
N THR A 34 22.74 -12.76 -7.46
CA THR A 34 22.45 -12.51 -6.05
C THR A 34 23.49 -11.69 -5.30
N VAL A 35 24.58 -11.29 -5.95
CA VAL A 35 25.52 -10.36 -5.31
C VAL A 35 24.82 -9.04 -4.94
N VAL A 36 23.71 -8.74 -5.60
CA VAL A 36 22.96 -7.50 -5.27
C VAL A 36 22.40 -7.48 -3.85
N TYR A 37 22.36 -8.64 -3.20
CA TYR A 37 21.79 -8.73 -1.85
C TYR A 37 22.83 -8.46 -0.77
N GLU A 38 24.06 -8.17 -1.16
CA GLU A 38 25.08 -7.85 -0.15
C GLU A 38 24.75 -6.65 0.74
N PRO A 39 24.25 -5.53 0.16
CA PRO A 39 23.84 -4.45 1.08
C PRO A 39 22.78 -4.87 2.10
N LEU A 40 21.75 -5.57 1.64
CA LEU A 40 20.75 -6.12 2.54
C LEU A 40 21.37 -6.95 3.65
N LEU A 41 22.26 -7.88 3.26
CA LEU A 41 22.91 -8.75 4.22
C LEU A 41 23.59 -7.95 5.32
N GLY A 42 24.21 -6.83 4.95
CA GLY A 42 24.82 -5.95 5.91
C GLY A 42 23.83 -5.30 6.86
N ARG A 43 22.55 -5.30 6.51
CA ARG A 43 21.55 -4.69 7.38
C ARG A 43 20.77 -5.72 8.19
N LEU A 44 21.17 -6.98 8.05
CA LEU A 44 20.53 -8.09 8.77
C LEU A 44 21.34 -8.45 10.00
N PRO A 45 20.73 -9.18 10.96
CA PRO A 45 21.45 -9.51 12.20
C PRO A 45 22.77 -10.22 11.93
N ALA A 46 23.74 -10.02 12.83
CA ALA A 46 25.03 -10.68 12.77
C ALA A 46 24.85 -12.19 12.68
N ASP A 47 25.64 -12.82 11.81
CA ASP A 47 25.65 -14.27 11.64
C ASP A 47 24.35 -14.84 11.08
N THR A 48 23.54 -13.99 10.44
CA THR A 48 22.42 -14.47 9.63
C THR A 48 23.01 -15.10 8.37
N PRO A 49 22.83 -16.41 8.18
CA PRO A 49 23.28 -17.04 6.94
C PRO A 49 22.48 -16.57 5.72
N MET A 50 23.12 -16.57 4.55
CA MET A 50 22.42 -16.15 3.35
C MET A 50 22.91 -16.90 2.12
N TYR A 51 21.96 -17.48 1.38
CA TYR A 51 22.25 -18.18 0.15
C TYR A 51 21.43 -17.60 -0.96
N GLY A 52 22.04 -17.46 -2.13
CA GLY A 52 21.34 -16.91 -3.27
C GLY A 52 21.13 -17.95 -4.32
N PHE A 53 19.93 -17.98 -4.88
CA PHE A 53 19.61 -18.89 -5.96
C PHE A 53 19.66 -18.12 -7.25
N GLU A 54 20.56 -18.54 -8.14
CA GLU A 54 20.79 -17.86 -9.41
C GLU A 54 19.91 -18.47 -10.49
N ARG A 55 20.04 -17.93 -11.70
CA ARG A 55 19.20 -18.27 -12.84
C ARG A 55 19.19 -19.75 -13.24
N VAL A 56 18.01 -20.23 -13.54
CA VAL A 56 17.80 -21.53 -14.18
C VAL A 56 16.79 -21.31 -15.29
N GLU A 57 16.63 -22.28 -16.17
CA GLU A 57 15.75 -22.11 -17.31
C GLU A 57 14.31 -22.55 -17.03
N GLY A 58 13.39 -22.01 -17.81
CA GLY A 58 12.02 -22.47 -17.83
C GLY A 58 11.03 -21.41 -17.41
N SER A 59 9.77 -21.79 -17.40
CA SER A 59 8.73 -20.95 -16.84
C SER A 59 8.97 -20.82 -15.33
N ILE A 60 8.21 -19.94 -14.67
CA ILE A 60 8.34 -19.74 -13.22
C ILE A 60 8.17 -21.07 -12.47
N GLU A 61 7.12 -21.80 -12.82
CA GLU A 61 6.85 -23.09 -12.20
C GLU A 61 7.98 -24.10 -12.43
N GLU A 62 8.54 -24.11 -13.64
CA GLU A 62 9.64 -25.00 -13.97
C GLU A 62 10.90 -24.63 -13.19
N ARG A 63 11.09 -23.33 -12.96
CA ARG A 63 12.24 -22.85 -12.19
C ARG A 63 12.09 -23.25 -10.73
N ALA A 64 10.89 -23.10 -10.18
CA ALA A 64 10.62 -23.49 -8.79
C ALA A 64 10.76 -25.00 -8.61
N GLN A 65 10.47 -25.77 -9.65
CA GLN A 65 10.61 -27.21 -9.58
C GLN A 65 12.09 -27.59 -9.46
N GLN A 66 12.98 -26.66 -9.82
CA GLN A 66 14.41 -26.89 -9.69
C GLN A 66 14.95 -26.40 -8.35
N TYR A 67 14.41 -25.27 -7.90
CA TYR A 67 14.83 -24.66 -6.65
C TYR A 67 14.36 -25.42 -5.41
N VAL A 68 13.11 -25.84 -5.43
CA VAL A 68 12.49 -26.42 -4.23
C VAL A 68 13.21 -27.67 -3.67
N PRO A 69 13.61 -28.62 -4.53
CA PRO A 69 14.39 -29.75 -4.01
C PRO A 69 15.70 -29.32 -3.39
N LYS A 70 16.34 -28.32 -3.97
CA LYS A 70 17.56 -27.75 -3.38
C LYS A 70 17.30 -27.05 -2.03
N LEU A 71 16.19 -26.34 -1.92
CA LEU A 71 15.83 -25.67 -0.68
C LEU A 71 15.68 -26.71 0.42
N ILE A 72 15.00 -27.80 0.09
CA ILE A 72 14.75 -28.87 1.05
C ILE A 72 16.04 -29.58 1.46
N GLU A 73 16.94 -29.78 0.49
CA GLU A 73 18.22 -30.40 0.79
C GLU A 73 18.98 -29.58 1.83
N MET A 74 18.92 -28.26 1.67
CA MET A 74 19.68 -27.33 2.49
C MET A 74 19.05 -27.03 3.85
N GLN A 75 17.72 -27.08 3.94
CA GLN A 75 17.02 -26.58 5.12
C GLN A 75 15.95 -27.53 5.69
N GLY A 76 15.62 -28.58 4.93
CA GLY A 76 14.74 -29.63 5.43
C GLY A 76 13.32 -29.16 5.71
N ASP A 77 12.86 -29.33 6.95
CA ASP A 77 11.47 -29.03 7.28
C ASP A 77 11.19 -27.53 7.35
N GLY A 78 12.24 -26.75 7.59
CA GLY A 78 12.08 -25.34 7.84
C GLY A 78 12.84 -24.97 9.09
N PRO A 79 12.69 -23.72 9.53
CA PRO A 79 11.87 -22.70 8.86
C PRO A 79 12.49 -22.07 7.61
N TYR A 80 11.63 -21.69 6.67
CA TYR A 80 12.05 -21.06 5.42
C TYR A 80 11.80 -19.56 5.41
N VAL A 81 12.85 -18.82 5.07
CA VAL A 81 12.79 -17.38 4.85
C VAL A 81 13.25 -17.14 3.41
N LEU A 82 12.35 -16.59 2.62
CA LEU A 82 12.54 -16.48 1.18
C LEU A 82 12.35 -15.04 0.74
N VAL A 83 13.32 -14.50 0.03
CA VAL A 83 13.34 -13.05 -0.23
C VAL A 83 13.80 -12.81 -1.65
N GLY A 84 13.17 -11.84 -2.31
CA GLY A 84 13.62 -11.44 -3.61
C GLY A 84 13.15 -10.07 -4.04
N TRP A 85 14.05 -9.37 -4.75
CA TRP A 85 13.78 -8.14 -5.47
C TRP A 85 13.57 -8.49 -6.93
N SER A 86 12.75 -7.70 -7.63
CA SER A 86 12.57 -7.85 -9.08
C SER A 86 11.99 -9.26 -9.32
N LEU A 87 12.52 -9.98 -10.31
CA LEU A 87 12.08 -11.34 -10.61
C LEU A 87 12.21 -12.25 -9.41
N GLY A 88 13.27 -12.02 -8.63
CA GLY A 88 13.54 -12.79 -7.42
C GLY A 88 12.37 -12.86 -6.44
N GLY A 89 11.58 -11.79 -6.35
CA GLY A 89 10.40 -11.85 -5.49
C GLY A 89 9.38 -12.88 -5.95
N VAL A 90 9.10 -12.89 -7.25
CA VAL A 90 8.19 -13.85 -7.82
C VAL A 90 8.73 -15.28 -7.66
N LEU A 91 10.03 -15.46 -7.85
CA LEU A 91 10.67 -16.77 -7.67
C LEU A 91 10.52 -17.22 -6.21
N ALA A 92 10.82 -16.32 -5.29
CA ALA A 92 10.65 -16.61 -3.87
C ALA A 92 9.22 -17.01 -3.55
N TYR A 93 8.26 -16.28 -4.09
CA TYR A 93 6.85 -16.54 -3.86
C TYR A 93 6.47 -17.91 -4.41
N ALA A 94 6.93 -18.21 -5.60
CA ALA A 94 6.64 -19.52 -6.21
C ALA A 94 7.22 -20.68 -5.37
N CYS A 95 8.43 -20.47 -4.84
CA CYS A 95 9.05 -21.48 -3.99
C CYS A 95 8.29 -21.67 -2.69
N ALA A 96 7.80 -20.57 -2.12
CA ALA A 96 6.95 -20.62 -0.94
C ALA A 96 5.71 -21.46 -1.17
N ILE A 97 5.08 -21.29 -2.32
CA ILE A 97 3.92 -22.12 -2.64
C ILE A 97 4.31 -23.59 -2.75
N GLY A 98 5.39 -23.88 -3.46
CA GLY A 98 5.86 -25.26 -3.60
C GLY A 98 6.21 -25.91 -2.27
N LEU A 99 6.92 -25.17 -1.42
CA LEU A 99 7.31 -25.68 -0.10
C LEU A 99 6.10 -25.91 0.79
N ARG A 100 5.15 -24.98 0.77
CA ARG A 100 3.96 -25.11 1.60
C ARG A 100 3.17 -26.34 1.15
N ARG A 101 3.09 -26.54 -0.16
CA ARG A 101 2.37 -27.71 -0.70
C ARG A 101 2.98 -29.04 -0.27
N LEU A 102 4.26 -29.03 0.06
CA LEU A 102 4.96 -30.24 0.49
C LEU A 102 5.02 -30.35 2.01
N GLY A 103 4.28 -29.49 2.70
CA GLY A 103 4.19 -29.56 4.15
C GLY A 103 5.31 -28.88 4.93
N LYS A 104 6.14 -28.10 4.25
CA LYS A 104 7.24 -27.44 4.92
C LYS A 104 6.76 -26.16 5.61
N ASP A 105 7.55 -25.68 6.56
CA ASP A 105 7.22 -24.49 7.35
C ASP A 105 7.87 -23.23 6.77
N VAL A 106 7.08 -22.45 6.05
CA VAL A 106 7.56 -21.19 5.48
C VAL A 106 7.12 -20.04 6.39
N ARG A 107 8.08 -19.32 6.97
CA ARG A 107 7.75 -18.30 7.97
C ARG A 107 7.77 -16.88 7.46
N PHE A 108 8.40 -16.66 6.32
CA PHE A 108 8.58 -15.30 5.83
C PHE A 108 8.84 -15.27 4.35
N VAL A 109 8.04 -14.49 3.64
CA VAL A 109 8.28 -14.21 2.23
C VAL A 109 8.43 -12.70 2.07
N GLY A 110 9.61 -12.29 1.61
CA GLY A 110 9.91 -10.87 1.47
C GLY A 110 10.03 -10.49 0.01
N LEU A 111 9.06 -9.74 -0.49
CA LEU A 111 9.11 -9.24 -1.87
C LEU A 111 9.67 -7.83 -1.84
N ILE A 112 10.83 -7.63 -2.48
CA ILE A 112 11.39 -6.29 -2.50
C ILE A 112 10.97 -5.60 -3.79
N ASP A 113 9.90 -4.82 -3.70
CA ASP A 113 9.31 -4.11 -4.85
C ASP A 113 9.08 -5.01 -6.06
N ALA A 114 8.63 -6.23 -5.83
CA ALA A 114 8.32 -7.11 -6.94
C ALA A 114 6.88 -6.80 -7.37
N VAL A 115 6.71 -5.64 -7.96
CA VAL A 115 5.37 -5.11 -8.19
C VAL A 115 4.79 -5.46 -9.56
N ARG A 116 3.55 -5.97 -9.56
CA ARG A 116 2.83 -6.31 -10.79
C ARG A 116 2.45 -5.05 -11.54
N ALA A 117 2.32 -5.16 -12.87
CA ALA A 117 1.79 -4.06 -13.66
C ALA A 117 0.39 -3.69 -13.16
N GLY A 118 0.02 -2.42 -13.27
CA GLY A 118 -1.25 -1.96 -12.71
C GLY A 118 -2.44 -2.56 -13.45
N GLU A 119 -2.22 -2.85 -14.73
CA GLU A 119 -3.19 -3.55 -15.56
C GLU A 119 -2.51 -4.84 -16.03
N GLU A 120 -3.23 -5.95 -16.04
CA GLU A 120 -2.63 -7.23 -16.45
C GLU A 120 -2.13 -7.17 -17.88
N ILE A 121 -0.91 -7.68 -18.10
CA ILE A 121 -0.33 -7.70 -19.44
C ILE A 121 -0.88 -8.91 -20.18
N PRO A 122 -1.72 -8.67 -21.21
CA PRO A 122 -2.32 -9.76 -21.99
C PRO A 122 -1.28 -10.62 -22.70
N GLN A 123 -1.50 -11.94 -22.70
CA GLN A 123 -0.67 -12.84 -23.47
C GLN A 123 -1.44 -13.24 -24.71
N THR A 124 -1.59 -12.30 -25.64
CA THR A 124 -2.38 -12.52 -26.82
C THR A 124 -1.58 -12.13 -28.05
N LYS A 125 -1.99 -12.65 -29.21
CA LYS A 125 -1.37 -12.30 -30.47
C LYS A 125 -1.41 -10.80 -30.72
N GLU A 126 -2.56 -10.18 -30.46
CA GLU A 126 -2.67 -8.73 -30.62
C GLU A 126 -1.61 -8.03 -29.78
N GLU A 127 -1.38 -8.56 -28.56
CA GLU A 127 -0.38 -7.99 -27.66
C GLU A 127 1.05 -8.23 -28.15
N ILE A 128 1.29 -9.41 -28.70
CA ILE A 128 2.61 -9.73 -29.24
C ILE A 128 2.95 -8.77 -30.37
N ARG A 129 1.98 -8.47 -31.23
CA ARG A 129 2.20 -7.56 -32.33
C ARG A 129 2.47 -6.12 -31.88
N LYS A 130 1.64 -5.63 -30.96
CA LYS A 130 1.81 -4.27 -30.44
C LYS A 130 3.17 -4.13 -29.76
N ARG A 131 3.60 -5.18 -29.07
CA ARG A 131 4.87 -5.17 -28.36
C ARG A 131 6.02 -5.02 -29.34
N TRP A 132 6.01 -5.83 -30.40
CA TRP A 132 7.12 -5.81 -31.35
C TRP A 132 7.11 -4.56 -32.22
N ASP A 133 5.92 -4.00 -32.46
CA ASP A 133 5.78 -2.71 -33.11
C ASP A 133 6.39 -1.60 -32.27
N ARG A 134 6.22 -1.69 -30.96
CA ARG A 134 6.80 -0.69 -30.08
C ARG A 134 8.33 -0.79 -30.12
N TYR A 135 8.84 -2.01 -30.09
CA TYR A 135 10.29 -2.21 -30.11
C TYR A 135 10.87 -1.67 -31.40
N ALA A 136 10.23 -2.03 -32.52
CA ALA A 136 10.69 -1.61 -33.84
C ALA A 136 10.73 -0.10 -33.94
N ALA A 137 9.74 0.58 -33.37
CA ALA A 137 9.70 2.03 -33.42
C ALA A 137 10.82 2.65 -32.61
N PHE A 138 11.15 2.06 -31.47
CA PHE A 138 12.26 2.58 -30.67
C PHE A 138 13.61 2.36 -31.37
N ALA A 139 13.75 1.22 -32.01
CA ALA A 139 14.95 0.95 -32.81
C ALA A 139 15.09 1.96 -33.96
N GLU A 140 13.98 2.30 -34.60
CA GLU A 140 14.02 3.29 -35.68
C GLU A 140 14.61 4.61 -35.19
N LYS A 141 14.10 5.11 -34.07
CA LYS A 141 14.59 6.37 -33.52
C LYS A 141 16.02 6.25 -32.97
N THR A 142 16.29 5.19 -32.19
CA THR A 142 17.61 4.99 -31.61
C THR A 142 18.69 4.86 -32.68
N PHE A 143 18.46 3.98 -33.64
CA PHE A 143 19.49 3.67 -34.62
C PHE A 143 19.35 4.40 -35.96
N ASN A 144 18.53 5.46 -36.02
CA ASN A 144 18.25 6.18 -37.27
C ASN A 144 18.03 5.26 -38.48
N VAL A 145 17.17 4.25 -38.32
CA VAL A 145 16.93 3.22 -39.32
C VAL A 145 15.43 3.11 -39.68
N THR A 146 15.12 2.48 -40.81
CA THR A 146 13.75 2.11 -41.14
C THR A 146 13.67 0.59 -41.03
N ILE A 147 12.81 0.10 -40.14
CA ILE A 147 12.55 -1.34 -40.09
C ILE A 147 11.39 -1.71 -41.01
N PRO A 148 11.59 -2.75 -41.83
CA PRO A 148 10.53 -3.19 -42.74
C PRO A 148 9.41 -3.85 -41.96
N ALA A 149 8.37 -4.31 -42.66
CA ALA A 149 7.25 -4.95 -41.98
C ALA A 149 7.74 -6.09 -41.11
N ILE A 150 7.16 -6.18 -39.92
CA ILE A 150 7.51 -7.22 -38.96
C ILE A 150 6.91 -8.53 -39.42
N PRO A 151 7.70 -9.61 -39.42
CA PRO A 151 7.10 -10.90 -39.79
C PRO A 151 6.26 -11.44 -38.63
N TYR A 152 5.11 -10.81 -38.41
CA TYR A 152 4.23 -11.12 -37.29
C TYR A 152 3.88 -12.58 -37.18
N GLU A 153 3.45 -13.18 -38.31
CA GLU A 153 2.99 -14.56 -38.34
C GLU A 153 4.04 -15.53 -37.82
N GLN A 154 5.28 -15.35 -38.23
CA GLN A 154 6.37 -16.20 -37.78
C GLN A 154 6.68 -15.95 -36.29
N LEU A 155 6.61 -14.69 -35.88
CA LEU A 155 6.84 -14.32 -34.48
C LEU A 155 5.75 -14.81 -33.52
N GLU A 156 4.50 -14.73 -33.96
CA GLU A 156 3.35 -15.04 -33.09
C GLU A 156 3.36 -16.48 -32.64
N GLU A 157 3.91 -17.35 -33.49
CA GLU A 157 3.91 -18.78 -33.24
C GLU A 157 5.06 -19.20 -32.34
N LEU A 158 5.92 -18.24 -32.00
CA LEU A 158 7.11 -18.53 -31.23
C LEU A 158 6.94 -18.10 -29.78
N ASP A 159 7.58 -18.84 -28.87
CA ASP A 159 7.62 -18.41 -27.48
C ASP A 159 8.69 -17.34 -27.34
N ASP A 160 8.76 -16.76 -26.14
CA ASP A 160 9.68 -15.67 -25.86
C ASP A 160 11.12 -16.02 -26.27
N GLU A 161 11.56 -17.22 -25.90
CA GLU A 161 12.89 -17.72 -26.23
C GLU A 161 13.12 -17.81 -27.75
N GLY A 162 12.13 -18.35 -28.46
CA GLY A 162 12.20 -18.46 -29.91
C GLY A 162 12.14 -17.09 -30.57
N GLN A 163 11.30 -16.19 -30.03
CA GLN A 163 11.21 -14.84 -30.55
C GLN A 163 12.59 -14.13 -30.56
N VAL A 164 13.35 -14.25 -29.48
CA VAL A 164 14.67 -13.63 -29.44
C VAL A 164 15.72 -14.28 -30.32
N ARG A 165 15.63 -15.60 -30.51
CA ARG A 165 16.53 -16.28 -31.42
C ARG A 165 16.25 -15.82 -32.85
N PHE A 166 14.97 -15.78 -33.22
CA PHE A 166 14.56 -15.31 -34.53
C PHE A 166 15.11 -13.91 -34.74
N VAL A 167 15.01 -13.10 -33.70
CA VAL A 167 15.48 -11.72 -33.75
C VAL A 167 17.00 -11.67 -33.78
N LEU A 168 17.66 -12.56 -33.04
CA LEU A 168 19.12 -12.59 -33.00
C LEU A 168 19.75 -13.25 -34.23
N ASP A 169 18.91 -13.68 -35.18
CA ASP A 169 19.40 -14.14 -36.47
C ASP A 169 19.68 -12.92 -37.35
N ALA A 170 18.79 -11.94 -37.29
CA ALA A 170 18.93 -10.70 -38.05
C ALA A 170 20.21 -9.95 -37.70
N VAL A 171 20.36 -9.58 -36.43
CA VAL A 171 21.55 -8.88 -35.97
C VAL A 171 22.80 -9.75 -36.08
N ILE A 178 28.12 -9.44 -32.84
CA ILE A 178 27.90 -8.94 -31.48
C ILE A 178 28.57 -9.85 -30.45
N PRO A 179 29.32 -9.24 -29.52
CA PRO A 179 30.05 -10.01 -28.50
C PRO A 179 29.16 -10.93 -27.68
N ALA A 180 29.67 -12.13 -27.38
CA ALA A 180 28.91 -13.17 -26.72
C ALA A 180 28.34 -12.73 -25.38
N GLY A 181 29.13 -11.96 -24.64
CA GLY A 181 28.69 -11.49 -23.33
C GLY A 181 27.47 -10.58 -23.44
N ILE A 182 27.45 -9.72 -24.44
CA ILE A 182 26.33 -8.81 -24.64
C ILE A 182 25.05 -9.55 -25.08
N ILE A 183 25.18 -10.48 -26.03
CA ILE A 183 24.02 -11.28 -26.46
C ILE A 183 23.51 -12.07 -25.26
N GLU A 184 24.44 -12.65 -24.50
CA GLU A 184 24.07 -13.47 -23.34
C GLU A 184 23.42 -12.61 -22.26
N HIS A 185 23.92 -11.40 -22.09
CA HIS A 185 23.33 -10.53 -21.08
C HIS A 185 21.98 -9.97 -21.51
N GLN A 186 21.87 -9.57 -22.78
CA GLN A 186 20.60 -9.09 -23.31
C GLN A 186 19.54 -10.19 -23.36
N ARG A 187 19.93 -11.39 -23.77
CA ARG A 187 18.99 -12.50 -23.85
C ARG A 187 18.39 -12.82 -22.50
N THR A 188 19.24 -12.99 -21.49
CA THR A 188 18.78 -13.37 -20.18
C THR A 188 18.00 -12.25 -19.48
N SER A 189 18.40 -11.00 -19.70
CA SER A 189 17.65 -9.86 -19.16
C SER A 189 16.27 -9.78 -19.78
N TYR A 190 16.20 -9.86 -21.11
CA TYR A 190 14.92 -9.84 -21.77
C TYR A 190 14.03 -10.99 -21.28
N LEU A 191 14.58 -12.19 -21.26
CA LEU A 191 13.77 -13.36 -20.86
C LEU A 191 13.37 -13.30 -19.38
N ASP A 192 14.26 -12.81 -18.51
CA ASP A 192 13.91 -12.70 -17.09
C ASP A 192 12.78 -11.66 -16.90
N ASN A 193 12.84 -10.57 -17.67
CA ASN A 193 11.80 -9.55 -17.62
C ASN A 193 10.45 -10.05 -18.15
N ARG A 194 10.48 -10.80 -19.26
CA ARG A 194 9.25 -11.39 -19.79
C ARG A 194 8.64 -12.36 -18.78
N ALA A 195 9.51 -13.06 -18.04
CA ALA A 195 9.08 -14.00 -17.01
C ALA A 195 8.26 -13.30 -15.94
N ILE A 196 8.67 -12.08 -15.58
CA ILE A 196 7.88 -11.27 -14.68
C ILE A 196 6.54 -10.93 -15.31
N ASP A 197 6.58 -10.44 -16.55
CA ASP A 197 5.38 -10.09 -17.29
C ASP A 197 4.32 -11.18 -17.36
N THR A 198 4.75 -12.42 -17.58
CA THR A 198 3.82 -13.50 -17.86
C THR A 198 3.60 -14.41 -16.66
N ALA A 199 4.11 -14.01 -15.50
CA ALA A 199 3.92 -14.82 -14.31
C ALA A 199 2.43 -14.96 -14.00
N GLN A 200 2.01 -16.19 -13.77
CA GLN A 200 0.63 -16.48 -13.38
C GLN A 200 0.61 -16.67 -11.89
N ILE A 201 0.22 -15.63 -11.16
CA ILE A 201 0.29 -15.71 -9.70
C ILE A 201 -0.77 -16.66 -9.16
N GLN A 202 -0.36 -17.53 -8.25
CA GLN A 202 -1.28 -18.43 -7.56
C GLN A 202 -1.47 -17.94 -6.14
N PRO A 203 -2.57 -18.35 -5.49
CA PRO A 203 -2.77 -17.89 -4.11
C PRO A 203 -1.85 -18.58 -3.10
N TYR A 204 -1.51 -17.86 -2.04
CA TYR A 204 -0.62 -18.35 -1.01
C TYR A 204 -1.18 -17.92 0.33
N ASP A 205 -1.19 -18.83 1.28
CA ASP A 205 -1.94 -18.63 2.52
C ASP A 205 -1.07 -18.21 3.70
N GLY A 206 0.22 -18.02 3.46
CA GLY A 206 1.15 -17.62 4.50
C GLY A 206 1.39 -16.13 4.47
N HIS A 207 2.26 -15.65 5.35
CA HIS A 207 2.52 -14.21 5.43
C HIS A 207 3.49 -13.78 4.36
N VAL A 208 3.15 -12.69 3.68
CA VAL A 208 4.00 -12.08 2.68
C VAL A 208 4.24 -10.63 3.08
N THR A 209 5.50 -10.20 3.09
CA THR A 209 5.81 -8.80 3.33
C THR A 209 6.24 -8.20 1.99
N LEU A 210 5.56 -7.15 1.54
CA LEU A 210 5.93 -6.48 0.29
C LEU A 210 6.55 -5.11 0.58
N TYR A 211 7.84 -4.95 0.31
CA TYR A 211 8.47 -3.65 0.46
C TYR A 211 8.24 -2.84 -0.80
N MET A 212 7.50 -1.74 -0.68
CA MET A 212 6.99 -1.07 -1.86
C MET A 212 7.63 0.28 -2.14
N ALA A 213 8.31 0.37 -3.28
CA ALA A 213 8.85 1.64 -3.71
C ALA A 213 7.71 2.50 -4.26
N ASP A 214 7.97 3.76 -4.58
CA ASP A 214 6.93 4.60 -5.18
C ASP A 214 6.58 4.25 -6.62
N ARG A 215 7.58 3.89 -7.42
CA ARG A 215 7.35 3.75 -8.86
C ARG A 215 8.45 2.95 -9.54
N TYR A 216 8.12 2.37 -10.69
CA TYR A 216 9.15 1.82 -11.57
C TYR A 216 9.96 2.94 -12.20
N HIS A 217 11.22 2.66 -12.51
CA HIS A 217 12.10 3.63 -13.16
C HIS A 217 11.69 3.85 -14.60
N ASP A 218 12.15 4.96 -15.17
CA ASP A 218 11.72 5.39 -16.50
C ASP A 218 11.93 4.36 -17.61
N ASP A 219 13.07 3.64 -17.57
CA ASP A 219 13.38 2.64 -18.60
C ASP A 219 12.38 1.49 -18.58
N ALA A 220 11.98 1.09 -17.38
CA ALA A 220 10.98 0.04 -17.24
C ALA A 220 9.66 0.43 -17.92
N ILE A 221 9.23 1.66 -17.63
CA ILE A 221 7.98 2.18 -18.17
C ILE A 221 8.02 2.42 -19.68
N MET A 222 9.15 2.88 -20.18
CA MET A 222 9.30 3.04 -21.63
C MET A 222 9.18 1.70 -22.34
N PHE A 223 9.67 0.65 -21.69
CA PHE A 223 9.60 -0.69 -22.24
C PHE A 223 8.19 -1.29 -22.22
N GLU A 224 7.49 -1.09 -21.11
CA GLU A 224 6.12 -1.59 -20.94
C GLU A 224 5.35 -0.59 -20.11
N PRO A 225 4.59 0.28 -20.78
CA PRO A 225 3.89 1.39 -20.10
C PRO A 225 2.89 0.95 -19.03
N ARG A 226 2.47 -0.31 -18.99
CA ARG A 226 1.54 -0.72 -17.95
C ARG A 226 2.16 -0.73 -16.54
N TYR A 227 3.50 -0.68 -16.47
CA TYR A 227 4.17 -0.55 -15.18
C TYR A 227 4.25 0.91 -14.69
N ALA A 228 3.66 1.82 -15.45
CA ALA A 228 3.58 3.22 -15.04
C ALA A 228 2.57 3.40 -13.91
N VAL A 229 1.68 2.41 -13.76
CA VAL A 229 0.66 2.42 -12.73
C VAL A 229 0.89 1.27 -11.76
N ARG A 230 0.79 1.56 -10.47
CA ARG A 230 0.86 0.53 -9.42
C ARG A 230 -0.40 0.56 -8.57
N GLN A 231 -0.95 -0.62 -8.22
CA GLN A 231 -1.98 -0.66 -7.20
C GLN A 231 -1.31 -0.58 -5.84
N PRO A 232 -2.06 -0.15 -4.81
CA PRO A 232 -1.47 -0.02 -3.46
C PRO A 232 -0.98 -1.34 -2.89
N ASP A 233 -1.61 -2.46 -3.25
CA ASP A 233 -1.19 -3.78 -2.81
C ASP A 233 -0.15 -4.38 -3.78
N GLY A 234 0.21 -3.61 -4.81
CA GLY A 234 1.21 -4.09 -5.75
C GLY A 234 0.75 -5.23 -6.64
N GLY A 235 -0.56 -5.48 -6.65
CA GLY A 235 -1.14 -6.56 -7.42
C GLY A 235 -1.14 -7.90 -6.70
N TRP A 236 -0.84 -7.89 -5.41
CA TRP A 236 -0.69 -9.14 -4.68
C TRP A 236 -1.89 -9.46 -3.78
N GLY A 237 -2.71 -8.45 -3.52
CA GLY A 237 -3.82 -8.61 -2.59
C GLY A 237 -4.86 -9.69 -2.86
N GLU A 238 -5.25 -9.90 -4.13
CA GLU A 238 -6.23 -10.94 -4.39
C GLU A 238 -5.67 -12.34 -4.14
N TYR A 239 -4.34 -12.44 -4.15
CA TYR A 239 -3.71 -13.74 -4.04
C TYR A 239 -3.22 -14.05 -2.63
N VAL A 240 -2.99 -12.98 -1.87
CA VAL A 240 -2.44 -13.10 -0.52
C VAL A 240 -3.32 -12.37 0.49
N SER A 241 -4.01 -13.11 1.33
CA SER A 241 -4.86 -12.47 2.33
C SER A 241 -3.98 -11.97 3.48
N ASP A 242 -2.90 -12.67 3.77
CA ASP A 242 -2.01 -12.26 4.87
C ASP A 242 -0.87 -11.39 4.34
N LEU A 243 -1.19 -10.18 3.92
CA LEU A 243 -0.24 -9.34 3.20
C LEU A 243 0.07 -8.06 3.96
N GLU A 244 1.35 -7.80 4.17
CA GLU A 244 1.82 -6.59 4.81
C GLU A 244 2.61 -5.81 3.76
N VAL A 245 2.32 -4.52 3.64
CA VAL A 245 3.07 -3.65 2.74
C VAL A 245 3.90 -2.68 3.56
N VAL A 246 5.18 -2.60 3.25
CA VAL A 246 6.08 -1.68 3.92
C VAL A 246 6.55 -0.66 2.89
N PRO A 247 5.95 0.54 2.90
CA PRO A 247 6.40 1.52 1.90
C PRO A 247 7.84 1.98 2.16
N ILE A 248 8.62 2.08 1.09
CA ILE A 248 10.01 2.49 1.24
C ILE A 248 10.36 3.69 0.37
N GLY A 249 9.42 4.10 -0.49
CA GLY A 249 9.63 5.22 -1.41
C GLY A 249 10.64 4.95 -2.50
N GLY A 250 11.02 5.98 -3.24
CA GLY A 250 12.03 5.86 -4.26
C GLY A 250 11.57 5.06 -5.46
N GLU A 251 12.53 4.67 -6.30
CA GLU A 251 12.23 3.89 -7.52
C GLU A 251 12.67 2.43 -7.37
N HIS A 252 12.15 1.58 -8.26
CA HIS A 252 12.45 0.14 -8.25
C HIS A 252 13.94 -0.18 -8.18
N ILE A 253 14.73 0.49 -8.99
CA ILE A 253 16.16 0.25 -9.09
C ILE A 253 16.92 0.53 -7.80
N GLN A 254 16.48 1.54 -7.10
CA GLN A 254 17.07 1.96 -5.84
C GLN A 254 16.65 1.11 -4.62
N ALA A 255 15.57 0.38 -4.74
CA ALA A 255 15.03 -0.36 -3.61
C ALA A 255 16.03 -1.35 -3.00
N ILE A 256 16.96 -1.85 -3.81
CA ILE A 256 17.88 -2.90 -3.37
C ILE A 256 19.20 -2.33 -2.77
N ASP A 257 19.42 -1.03 -2.95
CA ASP A 257 20.68 -0.40 -2.53
C ASP A 257 20.52 0.50 -1.30
N GLU A 258 21.65 0.84 -0.67
CA GLU A 258 21.68 1.89 0.33
C GLU A 258 21.27 3.20 -0.35
N PRO A 259 20.55 4.07 0.37
CA PRO A 259 20.11 3.99 1.78
C PRO A 259 18.79 3.27 2.00
N ILE A 260 18.00 3.06 0.96
CA ILE A 260 16.65 2.52 1.10
C ILE A 260 16.66 1.12 1.69
N ILE A 261 17.66 0.32 1.33
CA ILE A 261 17.78 -1.03 1.84
C ILE A 261 17.95 -1.07 3.37
N ALA A 262 18.35 0.05 3.97
CA ALA A 262 18.48 0.09 5.42
C ALA A 262 17.11 -0.07 6.08
N LYS A 263 16.11 0.55 5.47
CA LYS A 263 14.73 0.45 5.93
C LYS A 263 14.18 -0.96 5.80
N VAL A 264 14.46 -1.58 4.67
CA VAL A 264 14.06 -2.95 4.44
C VAL A 264 14.72 -3.84 5.47
N GLY A 265 16.00 -3.62 5.68
CA GLY A 265 16.80 -4.39 6.59
C GLY A 265 16.37 -4.28 8.03
N GLU A 266 16.01 -3.10 8.46
CA GLU A 266 15.51 -2.91 9.81
C GLU A 266 14.21 -3.67 10.03
N HIS A 267 13.31 -3.55 9.09
CA HIS A 267 12.07 -4.24 9.19
C HIS A 267 12.24 -5.73 9.15
N MET A 268 13.03 -6.19 8.20
CA MET A 268 13.26 -7.61 8.04
C MET A 268 14.00 -8.22 9.23
N SER A 269 14.91 -7.45 9.83
CA SER A 269 15.64 -7.89 11.02
C SER A 269 14.68 -8.20 12.18
N ARG A 270 13.66 -7.36 12.33
CA ARG A 270 12.66 -7.56 13.34
C ARG A 270 11.90 -8.87 13.12
N ALA A 271 11.54 -9.16 11.89
CA ALA A 271 10.84 -10.39 11.54
C ALA A 271 11.71 -11.59 11.84
N LEU A 272 12.99 -11.48 11.54
CA LEU A 272 13.92 -12.59 11.79
C LEU A 272 14.08 -12.83 13.27
N GLY A 273 14.16 -11.73 14.04
CA GLY A 273 14.25 -11.80 15.49
C GLY A 273 13.08 -12.56 16.10
N GLN A 274 11.89 -12.30 15.59
CA GLN A 274 10.70 -12.98 16.12
C GLN A 274 10.75 -14.47 15.79
N ILE A 275 11.18 -14.79 14.58
CA ILE A 275 11.34 -16.19 14.17
C ILE A 275 12.33 -16.92 15.05
N GLU A 276 13.43 -16.24 15.39
CA GLU A 276 14.44 -16.86 16.26
C GLU A 276 13.87 -17.00 17.67
N ALA A 277 13.05 -16.04 18.07
CA ALA A 277 12.41 -16.11 19.39
C ALA A 277 11.40 -17.24 19.43
N ASP A 278 10.64 -17.40 18.34
CA ASP A 278 9.62 -18.42 18.25
C ASP A 278 10.18 -19.85 18.27
N ARG A 279 11.41 -20.03 17.79
CA ARG A 279 12.07 -21.34 17.91
C ARG A 279 12.86 -21.48 19.21
N THR A 280 13.14 -20.35 19.86
CA THR A 280 13.84 -20.36 21.14
C THR A 280 12.86 -20.42 22.32
N GLN B 4 -24.05 7.07 27.15
CA GLN B 4 -24.16 7.73 25.85
C GLN B 4 -23.07 8.78 25.64
N ILE B 5 -23.48 10.06 25.59
CA ILE B 5 -22.54 11.13 25.25
C ILE B 5 -22.33 12.15 26.39
N ASP B 6 -21.11 12.65 26.48
CA ASP B 6 -20.71 13.60 27.52
C ASP B 6 -19.75 14.60 26.88
N GLY B 7 -20.17 15.85 26.74
CA GLY B 7 -19.36 16.79 26.00
C GLY B 7 -19.30 16.27 24.58
N PHE B 8 -18.09 15.93 24.13
CA PHE B 8 -17.90 15.33 22.82
C PHE B 8 -17.43 13.87 22.91
N VAL B 9 -17.52 13.28 24.10
CA VAL B 9 -17.09 11.90 24.27
C VAL B 9 -18.26 10.94 24.35
N ARG B 10 -18.25 9.98 23.44
CA ARG B 10 -19.27 8.92 23.42
C ARG B 10 -18.65 7.67 24.03
N THR B 11 -19.36 7.06 24.98
CA THR B 11 -18.86 5.82 25.55
C THR B 11 -19.41 4.62 24.78
N LEU B 12 -18.56 3.95 24.02
CA LEU B 12 -19.00 2.76 23.29
C LEU B 12 -18.88 1.52 24.18
N ARG B 13 -17.75 1.40 24.86
CA ARG B 13 -17.63 0.46 25.99
C ARG B 13 -16.75 1.04 27.08
N ALA B 14 -17.33 1.19 28.27
CA ALA B 14 -16.62 1.76 29.38
C ALA B 14 -15.54 0.78 29.84
N ARG B 15 -14.42 1.32 30.32
CA ARG B 15 -13.39 0.51 30.95
C ARG B 15 -13.91 0.11 32.32
N PRO B 16 -13.50 -1.07 32.83
CA PRO B 16 -13.85 -1.48 34.19
C PRO B 16 -13.30 -0.57 35.30
N GLY B 20 -8.45 -3.00 33.87
CA GLY B 20 -9.00 -3.46 32.61
C GLY B 20 -7.99 -3.34 31.48
N LYS B 21 -8.48 -3.53 30.26
CA LYS B 21 -7.63 -3.46 29.09
C LYS B 21 -7.41 -2.01 28.66
N VAL B 22 -6.41 -1.79 27.80
CA VAL B 22 -6.13 -0.48 27.24
C VAL B 22 -7.28 -0.05 26.33
N PRO B 23 -7.81 1.17 26.55
CA PRO B 23 -8.93 1.65 25.75
C PRO B 23 -8.52 1.98 24.33
N VAL B 24 -9.44 1.80 23.39
CA VAL B 24 -9.25 2.27 22.02
C VAL B 24 -10.01 3.59 21.87
N PHE B 25 -9.29 4.64 21.50
CA PHE B 25 -9.94 5.91 21.21
C PHE B 25 -10.19 6.04 19.71
N VAL B 26 -11.47 6.12 19.34
CA VAL B 26 -11.88 6.30 17.95
C VAL B 26 -12.42 7.71 17.73
N PHE B 27 -12.25 8.18 16.51
CA PHE B 27 -12.58 9.54 16.17
C PHE B 27 -13.57 9.53 15.01
N HIS B 28 -14.60 10.36 15.10
CA HIS B 28 -15.67 10.33 14.14
C HIS B 28 -15.19 10.54 12.71
N PRO B 29 -15.90 9.91 11.75
CA PRO B 29 -15.64 10.12 10.33
C PRO B 29 -16.36 11.36 9.83
N ALA B 30 -16.04 11.77 8.61
CA ALA B 30 -16.74 12.89 7.99
C ALA B 30 -18.20 12.52 7.75
N GLY B 31 -19.10 13.28 8.36
CA GLY B 31 -20.53 13.09 8.16
C GLY B 31 -21.17 11.97 8.96
N GLY B 32 -20.48 11.47 9.99
CA GLY B 32 -21.00 10.38 10.80
C GLY B 32 -20.57 10.49 12.25
N SER B 33 -21.01 9.53 13.07
CA SER B 33 -20.66 9.53 14.49
C SER B 33 -19.77 8.34 14.80
N THR B 34 -19.30 8.23 16.04
CA THR B 34 -18.43 7.11 16.38
C THR B 34 -19.21 5.81 16.60
N VAL B 35 -20.54 5.86 16.51
CA VAL B 35 -21.35 4.64 16.52
C VAL B 35 -20.97 3.75 15.32
N VAL B 36 -20.39 4.35 14.29
CA VAL B 36 -19.94 3.62 13.10
C VAL B 36 -18.88 2.57 13.44
N TYR B 37 -18.26 2.71 14.60
CA TYR B 37 -17.20 1.79 15.01
C TYR B 37 -17.68 0.55 15.78
N GLU B 38 -18.99 0.39 15.98
CA GLU B 38 -19.46 -0.80 16.70
C GLU B 38 -19.08 -2.13 16.00
N PRO B 39 -19.21 -2.21 14.66
CA PRO B 39 -18.71 -3.44 14.00
C PRO B 39 -17.22 -3.71 14.25
N LEU B 40 -16.38 -2.69 14.16
CA LEU B 40 -14.97 -2.86 14.52
C LEU B 40 -14.84 -3.40 15.95
N LEU B 41 -15.53 -2.77 16.90
CA LEU B 41 -15.47 -3.18 18.30
C LEU B 41 -15.83 -4.66 18.49
N GLY B 42 -16.83 -5.12 17.72
CA GLY B 42 -17.19 -6.52 17.72
C GLY B 42 -16.08 -7.45 17.21
N ARG B 43 -15.11 -6.88 16.50
CA ARG B 43 -13.98 -7.66 16.00
C ARG B 43 -12.70 -7.47 16.81
N LEU B 44 -12.80 -6.72 17.90
CA LEU B 44 -11.67 -6.48 18.79
C LEU B 44 -11.76 -7.42 19.99
N PRO B 45 -10.65 -7.58 20.76
CA PRO B 45 -10.70 -8.50 21.90
C PRO B 45 -11.84 -8.21 22.87
N ALA B 46 -12.32 -9.24 23.54
CA ALA B 46 -13.37 -9.07 24.55
C ALA B 46 -13.02 -8.04 25.62
N ASP B 47 -13.99 -7.19 25.92
CA ASP B 47 -13.90 -6.19 26.99
C ASP B 47 -12.88 -5.10 26.69
N THR B 48 -12.59 -4.92 25.41
CA THR B 48 -11.79 -3.79 24.98
C THR B 48 -12.59 -2.52 25.23
N PRO B 49 -12.07 -1.64 26.09
CA PRO B 49 -12.79 -0.37 26.25
C PRO B 49 -12.69 0.42 24.96
N MET B 50 -13.71 1.22 24.68
CA MET B 50 -13.70 2.07 23.50
C MET B 50 -14.45 3.35 23.74
N TYR B 51 -13.81 4.47 23.45
CA TYR B 51 -14.45 5.77 23.59
C TYR B 51 -14.39 6.49 22.26
N GLY B 52 -15.47 7.18 21.91
CA GLY B 52 -15.49 7.90 20.66
C GLY B 52 -15.44 9.41 20.86
N PHE B 53 -14.64 10.08 20.06
CA PHE B 53 -14.59 11.52 20.09
C PHE B 53 -15.42 12.07 18.94
N GLU B 54 -16.46 12.82 19.27
CA GLU B 54 -17.39 13.33 18.26
C GLU B 54 -16.95 14.71 17.78
N ARG B 55 -17.72 15.26 16.85
CA ARG B 55 -17.35 16.48 16.14
C ARG B 55 -17.12 17.68 17.08
N VAL B 56 -16.06 18.44 16.79
CA VAL B 56 -15.85 19.76 17.38
C VAL B 56 -15.44 20.70 16.27
N GLU B 57 -15.42 22.00 16.54
CA GLU B 57 -15.11 22.99 15.51
C GLU B 57 -13.66 23.33 15.36
N GLY B 58 -13.32 23.87 14.20
CA GLY B 58 -12.02 24.46 13.97
C GLY B 58 -11.18 23.76 12.92
N SER B 59 -9.95 24.19 12.79
CA SER B 59 -9.03 23.52 11.92
C SER B 59 -8.66 22.22 12.59
N ILE B 60 -7.91 21.37 11.90
CA ILE B 60 -7.57 20.05 12.43
C ILE B 60 -6.79 20.23 13.71
N GLU B 61 -5.91 21.24 13.71
CA GLU B 61 -5.09 21.51 14.87
C GLU B 61 -5.99 21.98 15.98
N GLU B 62 -6.91 22.85 15.65
CA GLU B 62 -7.88 23.39 16.61
C GLU B 62 -8.74 22.29 17.23
N ARG B 63 -9.06 21.28 16.44
CA ARG B 63 -9.86 20.17 16.96
C ARG B 63 -9.04 19.33 17.93
N ALA B 64 -7.79 19.06 17.56
CA ALA B 64 -6.91 18.26 18.41
C ALA B 64 -6.58 18.92 19.75
N GLN B 65 -6.50 20.25 19.77
CA GLN B 65 -6.22 20.94 21.02
C GLN B 65 -7.38 20.84 22.01
N GLN B 66 -8.55 20.45 21.51
CA GLN B 66 -9.69 20.19 22.40
C GLN B 66 -9.69 18.71 22.80
N TYR B 67 -9.32 17.83 21.87
CA TYR B 67 -9.34 16.40 22.14
C TYR B 67 -8.20 15.98 23.07
N VAL B 68 -6.98 16.45 22.78
CA VAL B 68 -5.79 15.98 23.50
C VAL B 68 -5.85 16.16 25.03
N PRO B 69 -6.29 17.34 25.51
CA PRO B 69 -6.43 17.48 26.97
C PRO B 69 -7.44 16.51 27.57
N LYS B 70 -8.53 16.28 26.85
CA LYS B 70 -9.52 15.31 27.26
C LYS B 70 -8.93 13.89 27.27
N LEU B 71 -8.11 13.56 26.27
CA LEU B 71 -7.48 12.24 26.21
C LEU B 71 -6.62 11.98 27.44
N ILE B 72 -5.84 12.97 27.82
CA ILE B 72 -4.94 12.82 28.95
C ILE B 72 -5.70 12.65 30.26
N GLU B 73 -6.80 13.39 30.41
CA GLU B 73 -7.63 13.29 31.60
C GLU B 73 -8.12 11.85 31.74
N MET B 74 -8.48 11.26 30.60
CA MET B 74 -9.06 9.93 30.58
C MET B 74 -8.03 8.82 30.74
N GLN B 75 -6.81 9.06 30.27
CA GLN B 75 -5.84 7.97 30.13
C GLN B 75 -4.44 8.27 30.70
N GLY B 76 -4.19 9.53 31.03
CA GLY B 76 -2.94 9.90 31.68
C GLY B 76 -1.70 9.73 30.82
N ASP B 77 -0.78 8.88 31.27
CA ASP B 77 0.53 8.72 30.62
C ASP B 77 0.47 7.87 29.36
N GLY B 78 -0.56 7.03 29.28
CA GLY B 78 -0.63 6.04 28.23
C GLY B 78 -0.88 4.69 28.86
N PRO B 79 -0.86 3.62 28.04
CA PRO B 79 -0.60 3.71 26.60
C PRO B 79 -1.79 4.21 25.79
N TYR B 80 -1.51 4.96 24.72
CA TYR B 80 -2.56 5.51 23.85
C TYR B 80 -2.69 4.71 22.56
N VAL B 81 -3.94 4.32 22.27
CA VAL B 81 -4.31 3.64 21.03
C VAL B 81 -5.36 4.49 20.34
N LEU B 82 -5.04 4.99 19.15
CA LEU B 82 -5.88 5.98 18.48
C LEU B 82 -6.22 5.51 17.08
N VAL B 83 -7.51 5.54 16.76
CA VAL B 83 -8.00 4.87 15.57
C VAL B 83 -9.04 5.74 14.89
N GLY B 84 -9.01 5.80 13.57
CA GLY B 84 -10.08 6.50 12.86
C GLY B 84 -10.21 6.12 11.40
N TRP B 85 -11.45 6.08 10.94
CA TRP B 85 -11.78 5.96 9.53
C TRP B 85 -12.06 7.36 9.02
N SER B 86 -11.74 7.60 7.74
CA SER B 86 -12.13 8.87 7.12
C SER B 86 -11.46 10.05 7.86
N LEU B 87 -12.20 11.13 8.10
CA LEU B 87 -11.61 12.27 8.84
C LEU B 87 -11.05 11.84 10.19
N GLY B 88 -11.71 10.87 10.82
CA GLY B 88 -11.30 10.34 12.10
C GLY B 88 -9.87 9.87 12.15
N GLY B 89 -9.39 9.29 11.05
CA GLY B 89 -7.98 8.91 10.94
C GLY B 89 -7.06 10.10 11.04
N VAL B 90 -7.41 11.18 10.35
CA VAL B 90 -6.59 12.39 10.42
C VAL B 90 -6.59 13.01 11.82
N LEU B 91 -7.75 13.01 12.47
CA LEU B 91 -7.90 13.49 13.84
C LEU B 91 -7.07 12.65 14.80
N ALA B 92 -7.18 11.33 14.65
CA ALA B 92 -6.39 10.41 15.47
C ALA B 92 -4.90 10.70 15.33
N TYR B 93 -4.45 10.89 14.09
CA TYR B 93 -3.06 11.18 13.81
C TYR B 93 -2.60 12.48 14.46
N ALA B 94 -3.40 13.53 14.31
CA ALA B 94 -3.05 14.82 14.89
C ALA B 94 -2.96 14.76 16.42
N CYS B 95 -3.86 13.98 17.04
CA CYS B 95 -3.81 13.78 18.48
C CYS B 95 -2.56 13.01 18.90
N ALA B 96 -2.19 12.03 18.10
CA ALA B 96 -0.95 11.28 18.31
C ALA B 96 0.26 12.21 18.39
N ILE B 97 0.30 13.17 17.48
CA ILE B 97 1.39 14.14 17.49
C ILE B 97 1.38 15.01 18.75
N GLY B 98 0.21 15.50 19.13
CA GLY B 98 0.06 16.30 20.34
C GLY B 98 0.44 15.53 21.60
N LEU B 99 -0.03 14.29 21.70
CA LEU B 99 0.29 13.46 22.86
C LEU B 99 1.77 13.16 22.92
N ARG B 100 2.36 12.86 21.78
CA ARG B 100 3.78 12.55 21.74
C ARG B 100 4.61 13.77 22.14
N ARG B 101 4.19 14.93 21.65
CA ARG B 101 4.88 16.17 22.00
C ARG B 101 4.80 16.48 23.49
N LEU B 102 3.78 15.93 24.16
CA LEU B 102 3.61 16.14 25.59
C LEU B 102 4.24 15.01 26.41
N GLY B 103 5.03 14.18 25.75
CA GLY B 103 5.78 13.14 26.45
C GLY B 103 4.97 11.88 26.73
N LYS B 104 3.79 11.79 26.14
CA LYS B 104 2.92 10.64 26.36
C LYS B 104 3.34 9.41 25.54
N ASP B 105 2.88 8.24 25.97
CA ASP B 105 3.25 6.99 25.35
C ASP B 105 2.18 6.53 24.33
N VAL B 106 2.40 6.80 23.06
CA VAL B 106 1.45 6.41 22.02
C VAL B 106 1.91 5.11 21.37
N ARG B 107 1.12 4.05 21.50
CA ARG B 107 1.57 2.73 21.05
C ARG B 107 1.01 2.29 19.70
N PHE B 108 -0.07 2.91 19.26
CA PHE B 108 -0.74 2.49 18.04
C PHE B 108 -1.60 3.60 17.48
N VAL B 109 -1.39 3.92 16.20
CA VAL B 109 -2.26 4.81 15.46
C VAL B 109 -2.81 4.05 14.26
N GLY B 110 -4.12 3.86 14.25
CA GLY B 110 -4.75 3.09 13.21
C GLY B 110 -5.56 3.97 12.28
N LEU B 111 -5.09 4.10 11.03
CA LEU B 111 -5.82 4.87 10.03
C LEU B 111 -6.64 3.89 9.21
N ILE B 112 -7.96 4.00 9.27
CA ILE B 112 -8.78 3.09 8.47
C ILE B 112 -9.13 3.75 7.13
N ASP B 113 -8.32 3.43 6.13
CA ASP B 113 -8.42 4.00 4.77
C ASP B 113 -8.50 5.52 4.75
N ALA B 114 -7.75 6.16 5.65
CA ALA B 114 -7.70 7.61 5.67
C ALA B 114 -6.66 8.04 4.63
N VAL B 115 -7.01 7.88 3.36
CA VAL B 115 -6.05 8.00 2.27
C VAL B 115 -6.02 9.40 1.67
N ARG B 116 -4.83 9.96 1.54
CA ARG B 116 -4.63 11.28 0.95
C ARG B 116 -4.93 11.24 -0.54
N ALA B 117 -5.40 12.35 -1.10
CA ALA B 117 -5.59 12.44 -2.54
C ALA B 117 -4.27 12.22 -3.28
N GLY B 118 -4.34 11.61 -4.46
CA GLY B 118 -3.17 11.25 -5.22
C GLY B 118 -2.37 12.44 -5.72
N GLU B 119 -3.05 13.57 -5.92
CA GLU B 119 -2.40 14.80 -6.35
C GLU B 119 -2.80 15.91 -5.39
N GLU B 120 -1.94 16.90 -5.22
CA GLU B 120 -2.22 17.95 -4.25
C GLU B 120 -3.46 18.74 -4.66
N ILE B 121 -4.35 18.96 -3.72
CA ILE B 121 -5.55 19.74 -4.00
C ILE B 121 -5.20 21.22 -3.88
N PRO B 122 -5.20 21.91 -5.03
CA PRO B 122 -4.88 23.33 -5.05
C PRO B 122 -5.89 24.12 -4.24
N GLN B 123 -5.43 25.19 -3.61
CA GLN B 123 -6.32 26.10 -2.92
C GLN B 123 -6.23 27.45 -3.62
N THR B 124 -6.90 27.55 -4.77
CA THR B 124 -6.90 28.77 -5.55
C THR B 124 -8.34 29.23 -5.76
N LYS B 125 -8.52 30.44 -6.27
CA LYS B 125 -9.86 30.92 -6.58
C LYS B 125 -10.45 30.11 -7.74
N GLU B 126 -9.61 29.73 -8.70
CA GLU B 126 -10.01 28.91 -9.84
C GLU B 126 -10.58 27.57 -9.41
N GLU B 127 -9.91 26.93 -8.45
CA GLU B 127 -10.35 25.65 -7.89
C GLU B 127 -11.71 25.75 -7.21
N ILE B 128 -11.98 26.90 -6.61
CA ILE B 128 -13.26 27.12 -5.97
C ILE B 128 -14.42 27.07 -6.92
N ARG B 129 -14.29 27.70 -8.06
CA ARG B 129 -15.29 27.64 -9.07
C ARG B 129 -15.48 26.22 -9.60
N LYS B 130 -14.39 25.53 -9.83
CA LYS B 130 -14.42 24.19 -10.37
C LYS B 130 -15.04 23.26 -9.38
N ARG B 131 -14.71 23.47 -8.13
CA ARG B 131 -15.27 22.68 -7.05
C ARG B 131 -16.81 22.75 -7.03
N TRP B 132 -17.34 23.96 -7.05
CA TRP B 132 -18.78 24.16 -6.92
C TRP B 132 -19.55 23.76 -8.15
N ASP B 133 -18.90 23.86 -9.31
CA ASP B 133 -19.47 23.37 -10.55
C ASP B 133 -19.63 21.84 -10.51
N ARG B 134 -18.66 21.15 -9.92
CA ARG B 134 -18.74 19.70 -9.79
C ARG B 134 -19.90 19.32 -8.88
N TYR B 135 -20.06 20.05 -7.78
CA TYR B 135 -21.12 19.77 -6.83
C TYR B 135 -22.50 19.95 -7.47
N ALA B 136 -22.65 21.05 -8.20
CA ALA B 136 -23.92 21.37 -8.85
C ALA B 136 -24.33 20.31 -9.87
N ALA B 137 -23.38 19.82 -10.65
CA ALA B 137 -23.67 18.82 -11.66
C ALA B 137 -24.06 17.50 -11.00
N PHE B 138 -23.43 17.17 -9.87
CA PHE B 138 -23.76 15.96 -9.13
C PHE B 138 -25.16 16.04 -8.52
N ALA B 139 -25.51 17.20 -7.98
CA ALA B 139 -26.83 17.40 -7.39
C ALA B 139 -27.94 17.23 -8.42
N GLU B 140 -27.76 17.87 -9.58
CA GLU B 140 -28.77 17.82 -10.63
C GLU B 140 -28.85 16.43 -11.28
N LYS B 141 -27.71 15.75 -11.38
CA LYS B 141 -27.67 14.42 -11.95
C LYS B 141 -28.31 13.38 -11.03
N THR B 142 -28.03 13.49 -9.74
CA THR B 142 -28.47 12.50 -8.76
C THR B 142 -29.91 12.69 -8.24
N PHE B 143 -30.20 13.86 -7.69
CA PHE B 143 -31.49 14.11 -7.04
C PHE B 143 -32.51 14.78 -7.96
N ASN B 144 -32.12 15.02 -9.21
CA ASN B 144 -32.99 15.67 -10.19
C ASN B 144 -33.63 16.97 -9.67
N VAL B 145 -32.79 17.88 -9.19
CA VAL B 145 -33.21 19.22 -8.83
C VAL B 145 -32.46 20.19 -9.75
N THR B 146 -32.87 21.45 -9.78
CA THR B 146 -32.14 22.45 -10.53
C THR B 146 -31.38 23.30 -9.53
N ILE B 147 -30.06 23.31 -9.65
CA ILE B 147 -29.25 24.21 -8.84
C ILE B 147 -29.15 25.51 -9.64
N PRO B 148 -29.35 26.67 -8.98
CA PRO B 148 -29.25 27.92 -9.74
C PRO B 148 -27.81 28.28 -10.08
N ALA B 149 -27.62 29.32 -10.88
CA ALA B 149 -26.29 29.78 -11.26
C ALA B 149 -25.46 30.15 -10.04
N ILE B 150 -24.21 29.69 -10.02
CA ILE B 150 -23.30 30.05 -8.94
C ILE B 150 -22.57 31.33 -9.27
N PRO B 151 -22.83 32.39 -8.49
CA PRO B 151 -22.08 33.64 -8.65
C PRO B 151 -20.67 33.49 -8.09
N TYR B 152 -19.74 33.07 -8.94
CA TYR B 152 -18.38 32.76 -8.52
C TYR B 152 -17.63 33.98 -7.98
N GLU B 153 -18.04 35.16 -8.41
CA GLU B 153 -17.41 36.39 -7.97
C GLU B 153 -17.49 36.54 -6.45
N GLN B 154 -18.67 36.28 -5.90
CA GLN B 154 -18.88 36.32 -4.45
C GLN B 154 -18.24 35.15 -3.73
N LEU B 155 -18.29 33.95 -4.31
CA LEU B 155 -17.72 32.76 -3.66
C LEU B 155 -16.21 32.75 -3.47
N GLU B 156 -15.47 33.22 -4.47
CA GLU B 156 -14.02 33.09 -4.43
C GLU B 156 -13.31 33.87 -3.33
N GLU B 157 -14.00 34.83 -2.71
CA GLU B 157 -13.43 35.56 -1.59
C GLU B 157 -14.04 35.15 -0.24
N LEU B 158 -14.58 33.94 -0.18
CA LEU B 158 -15.13 33.38 1.05
C LEU B 158 -14.30 32.18 1.49
N ASP B 159 -14.24 31.92 2.79
CA ASP B 159 -13.63 30.66 3.23
C ASP B 159 -14.63 29.53 3.05
N ASP B 160 -14.22 28.28 3.27
CA ASP B 160 -15.12 27.14 3.09
C ASP B 160 -16.46 27.31 3.82
N GLU B 161 -16.40 27.77 5.06
CA GLU B 161 -17.62 27.97 5.85
C GLU B 161 -18.57 28.93 5.14
N GLY B 162 -18.05 30.07 4.69
CA GLY B 162 -18.86 31.07 4.02
C GLY B 162 -19.36 30.61 2.65
N GLN B 163 -18.52 29.90 1.91
CA GLN B 163 -18.90 29.37 0.60
C GLN B 163 -20.15 28.50 0.69
N VAL B 164 -20.14 27.57 1.64
CA VAL B 164 -21.26 26.63 1.74
C VAL B 164 -22.55 27.33 2.21
N ARG B 165 -22.44 28.22 3.19
CA ARG B 165 -23.60 28.97 3.63
C ARG B 165 -24.17 29.79 2.46
N PHE B 166 -23.29 30.44 1.73
CA PHE B 166 -23.69 31.28 0.61
C PHE B 166 -24.41 30.45 -0.47
N VAL B 167 -23.88 29.27 -0.77
CA VAL B 167 -24.45 28.39 -1.78
C VAL B 167 -25.78 27.80 -1.30
N LEU B 168 -25.84 27.42 -0.01
CA LEU B 168 -27.09 26.92 0.57
C LEU B 168 -28.21 27.96 0.49
N ASP B 169 -27.88 29.22 0.75
CA ASP B 169 -28.87 30.29 0.69
C ASP B 169 -29.37 30.48 -0.74
N ALA B 170 -28.46 30.53 -1.70
CA ALA B 170 -28.83 30.67 -3.10
C ALA B 170 -29.72 29.52 -3.58
N VAL B 171 -29.46 28.32 -3.07
CA VAL B 171 -30.27 27.16 -3.42
C VAL B 171 -31.71 27.30 -2.94
N SER B 172 -31.89 27.70 -1.68
CA SER B 172 -33.23 27.77 -1.13
C SER B 172 -33.94 29.00 -1.67
N GLN B 173 -33.20 30.07 -1.88
CA GLN B 173 -33.72 31.26 -2.55
C GLN B 173 -34.34 30.91 -3.91
N SER B 174 -33.73 29.97 -4.62
CA SER B 174 -34.19 29.60 -5.96
C SER B 174 -35.50 28.82 -5.90
N GLY B 175 -35.93 28.43 -4.71
CA GLY B 175 -37.16 27.69 -4.53
C GLY B 175 -36.98 26.23 -4.15
N VAL B 176 -35.74 25.77 -4.06
CA VAL B 176 -35.48 24.38 -3.63
C VAL B 176 -35.55 24.28 -2.10
N GLN B 177 -36.49 23.49 -1.60
CA GLN B 177 -36.75 23.45 -0.16
C GLN B 177 -36.28 22.16 0.49
N ILE B 178 -35.08 22.19 1.06
CA ILE B 178 -34.51 21.04 1.75
C ILE B 178 -34.72 21.22 3.26
N PRO B 179 -35.20 20.16 3.95
CA PRO B 179 -35.46 20.25 5.38
C PRO B 179 -34.21 20.67 6.14
N ALA B 180 -34.38 21.51 7.15
CA ALA B 180 -33.26 22.12 7.87
C ALA B 180 -32.28 21.11 8.47
N GLY B 181 -32.80 20.00 8.99
CA GLY B 181 -31.95 18.97 9.59
C GLY B 181 -31.01 18.32 8.59
N ILE B 182 -31.49 18.10 7.38
CA ILE B 182 -30.66 17.53 6.33
C ILE B 182 -29.62 18.54 5.87
N ILE B 183 -30.05 19.79 5.69
CA ILE B 183 -29.13 20.83 5.26
C ILE B 183 -27.98 20.97 6.23
N GLU B 184 -28.27 20.97 7.53
CA GLU B 184 -27.19 21.22 8.48
C GLU B 184 -26.20 20.04 8.48
N HIS B 185 -26.70 18.84 8.27
CA HIS B 185 -25.87 17.69 8.10
C HIS B 185 -25.03 17.71 6.85
N GLN B 186 -25.62 18.19 5.75
CA GLN B 186 -24.88 18.38 4.52
C GLN B 186 -23.78 19.40 4.72
N ARG B 187 -24.09 20.46 5.48
CA ARG B 187 -23.15 21.51 5.70
C ARG B 187 -21.94 21.01 6.47
N THR B 188 -22.17 20.30 7.56
CA THR B 188 -21.03 19.80 8.34
C THR B 188 -20.30 18.67 7.63
N SER B 189 -21.03 17.84 6.86
CA SER B 189 -20.40 16.79 6.06
C SER B 189 -19.47 17.42 5.03
N TYR B 190 -19.95 18.46 4.35
CA TYR B 190 -19.11 19.20 3.41
C TYR B 190 -17.84 19.75 4.06
N LEU B 191 -17.99 20.40 5.21
CA LEU B 191 -16.86 21.02 5.87
C LEU B 191 -15.85 20.02 6.43
N ASP B 192 -16.35 18.90 6.96
CA ASP B 192 -15.45 17.86 7.47
C ASP B 192 -14.68 17.22 6.31
N ASN B 193 -15.32 17.10 5.16
CA ASN B 193 -14.65 16.58 3.97
C ASN B 193 -13.55 17.52 3.48
N ARG B 194 -13.83 18.83 3.47
CA ARG B 194 -12.84 19.85 3.11
C ARG B 194 -11.70 19.84 4.13
N ALA B 195 -12.01 19.55 5.40
CA ALA B 195 -10.97 19.46 6.43
C ALA B 195 -9.95 18.38 6.05
N ILE B 196 -10.45 17.28 5.52
CA ILE B 196 -9.53 16.27 4.99
C ILE B 196 -8.75 16.86 3.82
N ASP B 197 -9.43 17.49 2.87
CA ASP B 197 -8.76 18.08 1.70
C ASP B 197 -7.61 19.01 2.08
N THR B 198 -7.82 19.86 3.07
CA THR B 198 -6.86 20.93 3.36
C THR B 198 -5.98 20.63 4.55
N ALA B 199 -6.01 19.39 5.02
CA ALA B 199 -5.19 19.03 6.17
C ALA B 199 -3.72 19.25 5.87
N GLN B 200 -3.05 19.98 6.77
CA GLN B 200 -1.60 20.18 6.67
C GLN B 200 -0.92 19.14 7.54
N ILE B 201 -0.58 18.00 6.95
CA ILE B 201 -0.01 16.90 7.72
C ILE B 201 1.40 17.22 8.20
N GLN B 202 1.67 16.88 9.47
CA GLN B 202 2.98 17.09 10.08
C GLN B 202 3.61 15.78 10.54
N PRO B 203 4.93 15.65 10.41
CA PRO B 203 5.61 14.36 10.61
C PRO B 203 5.41 13.81 12.01
N TYR B 204 5.35 12.48 12.09
CA TYR B 204 5.15 11.75 13.32
C TYR B 204 6.08 10.54 13.26
N ASP B 205 6.77 10.29 14.37
CA ASP B 205 7.88 9.32 14.38
C ASP B 205 7.49 8.00 15.01
N GLY B 206 6.23 7.88 15.39
CA GLY B 206 5.77 6.66 16.02
C GLY B 206 5.18 5.74 14.96
N HIS B 207 4.70 4.58 15.40
CA HIS B 207 4.18 3.59 14.47
C HIS B 207 2.75 3.87 14.03
N VAL B 208 2.53 3.84 12.72
CA VAL B 208 1.21 4.02 12.15
C VAL B 208 0.87 2.85 11.25
N THR B 209 -0.33 2.30 11.47
CA THR B 209 -0.87 1.24 10.63
C THR B 209 -1.96 1.82 9.76
N LEU B 210 -1.80 1.72 8.44
CA LEU B 210 -2.78 2.21 7.47
C LEU B 210 -3.50 1.05 6.83
N TYR B 211 -4.79 0.87 7.14
CA TYR B 211 -5.58 -0.16 6.49
C TYR B 211 -6.08 0.41 5.17
N MET B 212 -5.62 -0.18 4.07
CA MET B 212 -5.84 0.43 2.77
C MET B 212 -6.81 -0.34 1.89
N ALA B 213 -7.91 0.32 1.55
CA ALA B 213 -8.86 -0.24 0.61
C ALA B 213 -8.31 -0.10 -0.81
N ASP B 214 -9.00 -0.67 -1.79
CA ASP B 214 -8.53 -0.55 -3.17
C ASP B 214 -8.67 0.87 -3.71
N ARG B 215 -9.77 1.52 -3.36
CA ARG B 215 -10.12 2.78 -3.98
C ARG B 215 -11.16 3.54 -3.19
N TYR B 216 -11.22 4.84 -3.42
CA TYR B 216 -12.37 5.61 -2.96
C TYR B 216 -13.58 5.24 -3.81
N HIS B 217 -14.77 5.35 -3.22
CA HIS B 217 -16.01 5.07 -3.92
C HIS B 217 -16.33 6.15 -4.95
N ASP B 218 -17.22 5.84 -5.89
CA ASP B 218 -17.48 6.71 -7.04
C ASP B 218 -17.90 8.13 -6.67
N ASP B 219 -18.73 8.27 -5.64
CA ASP B 219 -19.25 9.56 -5.20
C ASP B 219 -18.15 10.48 -4.68
N ALA B 220 -17.20 9.90 -3.94
CA ALA B 220 -16.07 10.64 -3.40
C ALA B 220 -15.27 11.26 -4.56
N ILE B 221 -15.05 10.45 -5.58
CA ILE B 221 -14.29 10.85 -6.75
C ILE B 221 -15.02 11.90 -7.59
N MET B 222 -16.34 11.81 -7.67
CA MET B 222 -17.12 12.83 -8.37
C MET B 222 -16.98 14.18 -7.68
N PHE B 223 -16.88 14.18 -6.35
CA PHE B 223 -16.69 15.43 -5.61
C PHE B 223 -15.29 16.00 -5.77
N GLU B 224 -14.29 15.11 -5.75
CA GLU B 224 -12.90 15.52 -5.90
C GLU B 224 -12.13 14.43 -6.64
N PRO B 225 -11.97 14.58 -7.96
CA PRO B 225 -11.35 13.55 -8.81
C PRO B 225 -9.91 13.20 -8.43
N ARG B 226 -9.24 14.04 -7.66
CA ARG B 226 -7.87 13.71 -7.28
C ARG B 226 -7.80 12.51 -6.34
N TYR B 227 -8.94 12.12 -5.78
CA TYR B 227 -9.04 10.90 -4.96
C TYR B 227 -9.16 9.63 -5.81
N ALA B 228 -9.13 9.78 -7.13
CA ALA B 228 -9.10 8.64 -8.04
C ALA B 228 -7.74 7.95 -8.04
N VAL B 229 -6.71 8.66 -7.55
CA VAL B 229 -5.36 8.11 -7.54
C VAL B 229 -4.94 7.87 -6.11
N ARG B 230 -4.38 6.69 -5.85
CA ARG B 230 -3.82 6.40 -4.55
C ARG B 230 -2.36 6.00 -4.70
N GLN B 231 -1.50 6.56 -3.85
CA GLN B 231 -0.13 6.10 -3.77
C GLN B 231 -0.09 4.90 -2.84
N PRO B 232 0.94 4.06 -2.96
CA PRO B 232 1.02 2.88 -2.07
C PRO B 232 1.14 3.23 -0.59
N ASP B 233 1.72 4.39 -0.28
CA ASP B 233 1.79 4.81 1.11
C ASP B 233 0.55 5.60 1.53
N GLY B 234 -0.38 5.79 0.60
CA GLY B 234 -1.60 6.51 0.91
C GLY B 234 -1.37 7.99 1.16
N GLY B 235 -0.17 8.47 0.77
CA GLY B 235 0.24 9.84 0.98
C GLY B 235 0.84 10.12 2.35
N TRP B 236 1.09 9.06 3.12
CA TRP B 236 1.59 9.21 4.50
C TRP B 236 3.08 8.92 4.67
N GLY B 237 3.67 8.22 3.70
CA GLY B 237 5.06 7.82 3.79
C GLY B 237 6.08 8.94 3.99
N GLU B 238 5.85 10.08 3.36
CA GLU B 238 6.77 11.21 3.54
C GLU B 238 6.69 11.80 4.94
N TYR B 239 5.60 11.54 5.64
CA TYR B 239 5.36 12.08 6.98
C TYR B 239 5.62 11.06 8.09
N VAL B 240 5.49 9.78 7.76
CA VAL B 240 5.64 8.70 8.73
C VAL B 240 6.67 7.70 8.20
N SER B 241 7.82 7.64 8.86
CA SER B 241 8.85 6.70 8.45
C SER B 241 8.52 5.28 8.93
N ASP B 242 7.87 5.18 10.08
CA ASP B 242 7.47 3.89 10.65
C ASP B 242 6.03 3.55 10.27
N LEU B 243 5.82 3.19 9.02
CA LEU B 243 4.47 3.02 8.45
C LEU B 243 4.24 1.60 7.96
N GLU B 244 3.14 1.01 8.42
CA GLU B 244 2.72 -0.31 7.98
C GLU B 244 1.43 -0.15 7.19
N VAL B 245 1.38 -0.75 6.01
CA VAL B 245 0.16 -0.73 5.23
C VAL B 245 -0.43 -2.14 5.19
N VAL B 246 -1.71 -2.23 5.51
CA VAL B 246 -2.41 -3.50 5.49
C VAL B 246 -3.52 -3.40 4.44
N PRO B 247 -3.29 -3.98 3.25
CA PRO B 247 -4.34 -3.94 2.22
C PRO B 247 -5.55 -4.73 2.66
N ILE B 248 -6.74 -4.16 2.45
CA ILE B 248 -7.97 -4.80 2.86
C ILE B 248 -8.97 -4.93 1.72
N GLY B 249 -8.61 -4.37 0.57
CA GLY B 249 -9.46 -4.38 -0.61
C GLY B 249 -10.72 -3.56 -0.48
N GLY B 250 -11.59 -3.66 -1.47
CA GLY B 250 -12.86 -2.98 -1.46
C GLY B 250 -12.75 -1.48 -1.62
N GLU B 251 -13.84 -0.77 -1.30
CA GLU B 251 -13.88 0.67 -1.42
C GLU B 251 -13.83 1.37 -0.07
N HIS B 252 -13.52 2.66 -0.06
CA HIS B 252 -13.46 3.45 1.17
C HIS B 252 -14.71 3.29 2.05
N ILE B 253 -15.87 3.35 1.42
CA ILE B 253 -17.14 3.30 2.15
C ILE B 253 -17.38 1.95 2.85
N GLN B 254 -16.87 0.87 2.27
CA GLN B 254 -17.06 -0.49 2.81
C GLN B 254 -16.06 -0.87 3.91
N ALA B 255 -14.98 -0.08 4.01
CA ALA B 255 -13.86 -0.40 4.90
C ALA B 255 -14.28 -0.55 6.36
N ILE B 256 -15.34 0.14 6.75
CA ILE B 256 -15.75 0.21 8.15
C ILE B 256 -16.76 -0.87 8.53
N ASP B 257 -17.32 -1.53 7.52
CA ASP B 257 -18.35 -2.55 7.75
C ASP B 257 -17.90 -3.99 7.47
N GLU B 258 -18.68 -4.96 7.94
CA GLU B 258 -18.51 -6.36 7.56
C GLU B 258 -18.71 -6.52 6.06
N PRO B 259 -17.95 -7.41 5.41
CA PRO B 259 -16.94 -8.31 5.98
C PRO B 259 -15.56 -7.70 6.13
N ILE B 260 -15.30 -6.57 5.48
CA ILE B 260 -13.96 -6.02 5.43
C ILE B 260 -13.42 -5.60 6.82
N ILE B 261 -14.29 -5.10 7.70
CA ILE B 261 -13.84 -4.68 9.03
C ILE B 261 -13.27 -5.86 9.86
N ALA B 262 -13.61 -7.09 9.48
CA ALA B 262 -13.09 -8.28 10.17
C ALA B 262 -11.58 -8.43 9.95
N LYS B 263 -11.13 -8.08 8.74
CA LYS B 263 -9.72 -8.10 8.39
C LYS B 263 -8.98 -7.03 9.19
N VAL B 264 -9.56 -5.83 9.25
CA VAL B 264 -9.05 -4.78 10.11
C VAL B 264 -9.02 -5.24 11.57
N GLY B 265 -10.13 -5.82 12.02
CA GLY B 265 -10.25 -6.25 13.39
C GLY B 265 -9.30 -7.38 13.78
N GLU B 266 -9.04 -8.31 12.86
CA GLU B 266 -8.11 -9.40 13.16
C GLU B 266 -6.71 -8.85 13.35
N HIS B 267 -6.30 -7.97 12.46
CA HIS B 267 -4.98 -7.39 12.53
C HIS B 267 -4.81 -6.52 13.77
N MET B 268 -5.78 -5.64 13.99
CA MET B 268 -5.73 -4.72 15.12
C MET B 268 -5.77 -5.48 16.45
N SER B 269 -6.50 -6.60 16.48
CA SER B 269 -6.54 -7.45 17.67
C SER B 269 -5.15 -7.96 18.05
N ARG B 270 -4.34 -8.35 17.07
CA ARG B 270 -2.97 -8.79 17.35
C ARG B 270 -2.13 -7.66 17.94
N ALA B 271 -2.28 -6.45 17.40
CA ALA B 271 -1.53 -5.32 17.91
C ALA B 271 -1.90 -5.03 19.37
N LEU B 272 -3.19 -5.14 19.67
CA LEU B 272 -3.69 -4.91 21.04
C LEU B 272 -3.18 -5.98 21.98
N GLY B 273 -3.14 -7.22 21.49
CA GLY B 273 -2.60 -8.31 22.27
C GLY B 273 -1.16 -8.04 22.67
N GLN B 274 -0.37 -7.55 21.72
CA GLN B 274 1.05 -7.31 21.99
C GLN B 274 1.21 -6.20 23.01
N ILE B 275 0.39 -5.17 22.87
CA ILE B 275 0.36 -4.08 23.83
C ILE B 275 -0.02 -4.53 25.26
N GLU B 276 -1.03 -5.38 25.38
CA GLU B 276 -1.42 -5.86 26.70
C GLU B 276 -0.34 -6.78 27.27
N ALA B 277 0.27 -7.57 26.41
CA ALA B 277 1.36 -8.47 26.83
C ALA B 277 2.60 -7.69 27.24
N ASP B 278 2.88 -6.61 26.53
CA ASP B 278 4.02 -5.75 26.87
C ASP B 278 3.77 -4.95 28.14
N ARG B 279 2.54 -5.00 28.65
CA ARG B 279 2.18 -4.30 29.88
C ARG B 279 2.10 -5.28 31.05
C2 5V8 C . 9.23 -6.03 -20.23
C3 5V8 C . 9.48 -7.06 -21.13
C4 5V8 C . 10.77 -7.32 -21.55
C5 5V8 C . 11.83 -6.56 -21.07
C10 5V8 C . 17.30 -5.96 -22.11
C11 5V8 C . 18.09 -5.47 -21.08
C15 5V8 C . 12.96 -4.95 -19.89
C16 5V8 C . 13.27 -3.82 -19.00
C18 5V8 C . 14.37 -1.67 -18.68
C20 5V8 C . 11.61 -5.52 -20.16
C24 5V8 C . 10.02 -3.56 -16.42
C25 5V8 C . 10.21 -4.04 -14.97
C26 5V8 C . 9.06 -5.00 -14.64
O1 5V8 C . 7.95 -5.80 -19.84
C7 5V8 C . 13.85 -5.70 -20.66
C8 5V8 C . 15.32 -5.59 -20.79
C9 5V8 C . 15.93 -6.03 -21.98
C13 5V8 C . 17.51 -5.05 -19.89
C14 5V8 C . 16.13 -5.11 -19.75
C21 5V8 C . 10.28 -5.26 -19.74
C22 5V8 C . 9.95 -4.17 -18.74
O6 5V8 C . 13.15 -6.62 -21.33
O12 5V8 C . 19.44 -5.42 -21.23
N17 5V8 C . 14.02 -2.82 -19.52
O19 5V8 C . 12.85 -3.75 -17.86
N23 5V8 C . 10.15 -4.69 -17.35
C27 5V8 C . 9.23 -6.24 -15.54
C28 5V8 C . 9.20 -5.78 -17.01
C2 5V8 D . -14.41 16.89 -1.09
C3 5V8 D . -14.80 18.17 -0.69
C4 5V8 D . -16.05 18.38 -0.16
C5 5V8 D . -16.92 17.30 -0.02
C10 5V8 D . -21.64 14.30 1.98
C11 5V8 D . -22.56 15.33 2.01
C15 5V8 D . -17.72 15.14 -0.11
C16 5V8 D . -17.87 13.70 -0.36
C18 5V8 D . -19.19 11.90 -1.37
C20 5V8 D . -16.54 16.00 -0.43
C24 5V8 D . -14.02 12.27 -0.66
C25 5V8 D . -13.49 11.39 0.48
C26 5V8 D . -12.16 11.97 0.99
O1 5V8 D . -13.16 16.72 -1.61
C7 5V8 D . -18.68 16.02 0.42
C8 5V8 D . -20.03 15.77 0.94
C9 5V8 D . -20.38 14.52 1.46
C13 5V8 D . -22.20 16.59 1.52
C14 5V8 D . -20.95 16.82 1.00
C21 5V8 D . -15.26 15.80 -0.96
C22 5V8 D . -14.77 14.44 -1.41
O6 5V8 D . -18.17 17.25 0.46
O12 5V8 D . -23.80 15.13 2.53
N17 5V8 D . -18.97 13.31 -1.06
O19 5V8 D . -17.05 12.87 -0.03
N23 5V8 D . -14.24 13.67 -0.25
C27 5V8 D . -12.45 13.39 1.47
C28 5V8 D . -12.99 14.24 0.31
S SO4 E . -4.79 21.84 9.62
O1 SO4 E . -4.73 22.27 11.03
O2 SO4 E . -4.21 22.90 8.76
O3 SO4 E . -4.02 20.59 9.45
O4 SO4 E . -6.20 21.61 9.23
#